data_3BID
#
_entry.id   3BID
#
_cell.length_a   34.743
_cell.length_b   60.040
_cell.length_c   64.370
_cell.angle_alpha   89.39
_cell.angle_beta   90.81
_cell.angle_gamma   103.97
#
_symmetry.space_group_name_H-M   'P 1'
#
loop_
_entity.id
_entity.type
_entity.pdbx_description
1 polymer 'UPF0339 protein NMB1088'
2 water water
#
_entity_poly.entity_id   1
_entity_poly.type   'polypeptide(L)'
_entity_poly.pdbx_seq_one_letter_code
;(MSE)YFEIYKDAKGEYRWRLKAANHEIIAQGEGYTSKQNCQHAVDLLKSTTAATPVKEVLEHHHHHH
;
_entity_poly.pdbx_strand_id   A,B,C,D,E,F,G,H
#
# COMPACT_ATOMS: atom_id res chain seq x y z
N MSE A 1 -18.33 -4.46 14.27
CA MSE A 1 -19.72 -3.91 14.35
C MSE A 1 -19.74 -2.79 15.40
O MSE A 1 -19.32 -3.00 16.53
CB MSE A 1 -20.69 -5.03 14.71
CG MSE A 1 -22.15 -4.65 14.68
SE MSE A 1 -23.34 -6.20 14.40
CE MSE A 1 -23.38 -6.89 16.23
N TYR A 2 -20.22 -1.60 15.04
CA TYR A 2 -20.25 -0.49 15.98
C TYR A 2 -21.38 0.51 15.69
N PHE A 3 -21.75 1.31 16.69
CA PHE A 3 -22.79 2.29 16.51
C PHE A 3 -22.15 3.62 16.15
N GLU A 4 -22.89 4.45 15.42
CA GLU A 4 -22.38 5.76 14.99
C GLU A 4 -23.45 6.84 15.15
N ILE A 5 -23.15 7.87 15.94
CA ILE A 5 -24.07 8.99 16.17
C ILE A 5 -23.64 10.24 15.40
N TYR A 6 -24.56 10.81 14.63
CA TYR A 6 -24.25 12.01 13.84
C TYR A 6 -25.45 12.97 13.71
N LYS A 7 -25.22 14.12 13.07
CA LYS A 7 -26.26 15.11 12.87
C LYS A 7 -26.59 15.34 11.38
N ASP A 8 -27.87 15.46 11.04
CA ASP A 8 -28.28 15.72 9.65
C ASP A 8 -28.42 17.24 9.40
N ALA A 9 -29.07 17.61 8.29
CA ALA A 9 -29.25 19.01 7.90
C ALA A 9 -30.36 19.74 8.67
N LYS A 10 -31.29 18.94 9.19
CA LYS A 10 -32.42 19.43 9.97
C LYS A 10 -32.03 19.72 11.42
N GLY A 11 -30.79 19.46 11.78
CA GLY A 11 -30.35 19.70 13.15
C GLY A 11 -30.66 18.59 14.15
N GLU A 12 -31.28 17.52 13.65
CA GLU A 12 -31.63 16.38 14.48
C GLU A 12 -30.47 15.39 14.62
N TYR A 13 -30.45 14.66 15.72
CA TYR A 13 -29.41 13.66 15.96
C TYR A 13 -29.90 12.26 15.65
N ARG A 14 -29.08 11.43 15.03
CA ARG A 14 -29.49 10.05 14.71
C ARG A 14 -28.36 9.04 14.78
N TRP A 15 -28.70 7.75 14.74
CA TRP A 15 -27.67 6.73 14.83
C TRP A 15 -27.73 5.72 13.70
N ARG A 16 -26.78 4.80 13.70
CA ARG A 16 -26.80 3.75 12.69
C ARG A 16 -25.83 2.66 13.11
N LEU A 17 -26.13 1.44 12.71
CA LEU A 17 -25.26 0.31 13.02
C LEU A 17 -24.45 -0.05 11.79
N LYS A 18 -23.14 0.16 11.85
CA LYS A 18 -22.30 -0.17 10.73
C LYS A 18 -21.63 -1.52 10.94
N ALA A 19 -21.31 -2.18 9.83
CA ALA A 19 -20.67 -3.48 9.84
C ALA A 19 -19.24 -3.33 9.34
N ALA A 20 -18.58 -4.46 9.09
CA ALA A 20 -17.21 -4.46 8.60
C ALA A 20 -17.04 -3.60 7.34
N ASN A 21 -17.55 -4.09 6.23
CA ASN A 21 -17.45 -3.36 4.95
C ASN A 21 -18.26 -2.08 4.91
N HIS A 22 -18.18 -1.27 5.98
CA HIS A 22 -18.93 -0.02 6.08
C HIS A 22 -20.33 -0.19 5.44
N GLU A 23 -21.06 -1.20 5.90
CA GLU A 23 -22.42 -1.49 5.42
C GLU A 23 -23.44 -1.21 6.52
N ILE A 24 -24.42 -0.36 6.19
CA ILE A 24 -25.44 0.01 7.16
C ILE A 24 -26.43 -1.13 7.37
N ILE A 25 -26.53 -1.59 8.63
CA ILE A 25 -27.41 -2.67 9.05
C ILE A 25 -28.75 -2.13 9.56
N ALA A 26 -28.70 -1.17 10.48
CA ALA A 26 -29.90 -0.59 11.08
C ALA A 26 -29.80 0.93 11.18
N GLN A 27 -30.95 1.60 11.04
CA GLN A 27 -31.02 3.06 11.08
C GLN A 27 -31.86 3.59 12.23
N GLY A 28 -31.44 4.73 12.77
CA GLY A 28 -32.15 5.34 13.88
C GLY A 28 -33.38 6.12 13.49
N GLU A 29 -33.65 7.18 14.24
CA GLU A 29 -34.81 8.02 14.00
C GLU A 29 -34.38 9.41 14.44
N GLY A 30 -35.10 10.43 14.02
CA GLY A 30 -34.74 11.78 14.44
C GLY A 30 -34.81 12.01 15.93
N TYR A 31 -33.78 12.63 16.49
CA TYR A 31 -33.72 12.95 17.92
C TYR A 31 -33.40 14.43 18.15
N THR A 32 -34.08 15.03 19.11
CA THR A 32 -33.93 16.45 19.43
C THR A 32 -32.84 16.77 20.45
N SER A 33 -31.90 15.85 20.64
CA SER A 33 -30.84 16.06 21.63
C SER A 33 -29.80 14.95 21.61
N LYS A 34 -28.52 15.31 21.54
CA LYS A 34 -27.55 14.26 21.49
C LYS A 34 -27.70 13.32 22.67
N GLN A 35 -28.19 13.86 23.79
CA GLN A 35 -28.39 13.07 24.99
C GLN A 35 -29.43 11.99 24.80
N ASN A 36 -30.57 12.36 24.23
CA ASN A 36 -31.64 11.38 24.02
C ASN A 36 -31.24 10.26 23.05
N CYS A 37 -30.40 10.59 22.08
CA CYS A 37 -29.96 9.63 21.08
C CYS A 37 -29.05 8.60 21.72
N GLN A 38 -28.15 9.06 22.57
CA GLN A 38 -27.22 8.17 23.23
C GLN A 38 -27.94 7.21 24.21
N HIS A 39 -29.03 7.67 24.80
CA HIS A 39 -29.79 6.85 25.74
C HIS A 39 -30.48 5.71 25.00
N ALA A 40 -30.99 6.00 23.80
CA ALA A 40 -31.66 5.01 23.00
C ALA A 40 -30.67 3.89 22.63
N VAL A 41 -29.47 4.27 22.22
CA VAL A 41 -28.45 3.31 21.85
C VAL A 41 -28.09 2.40 23.02
N ASP A 42 -27.96 2.97 24.21
CA ASP A 42 -27.61 2.16 25.39
C ASP A 42 -28.70 1.14 25.70
N LEU A 43 -29.95 1.53 25.50
CA LEU A 43 -31.07 0.62 25.74
C LEU A 43 -31.07 -0.53 24.74
N LEU A 44 -30.77 -0.22 23.46
CA LEU A 44 -30.73 -1.23 22.42
C LEU A 44 -29.65 -2.26 22.72
N LYS A 45 -28.47 -1.79 23.11
CA LYS A 45 -27.39 -2.72 23.39
C LYS A 45 -27.57 -3.48 24.71
N SER A 46 -28.48 -3.01 25.56
CA SER A 46 -28.71 -3.71 26.82
C SER A 46 -29.67 -4.89 26.57
N THR A 47 -30.07 -5.10 25.34
CA THR A 47 -30.94 -6.23 25.05
C THR A 47 -30.08 -7.43 24.70
N THR A 48 -30.61 -8.63 24.97
CA THR A 48 -29.92 -9.88 24.68
C THR A 48 -30.79 -10.76 23.79
N ALA A 49 -30.27 -11.90 23.35
CA ALA A 49 -31.05 -12.79 22.49
C ALA A 49 -32.30 -13.30 23.22
N ALA A 50 -32.28 -13.21 24.54
CA ALA A 50 -33.42 -13.64 25.35
C ALA A 50 -34.58 -12.64 25.23
N THR A 51 -34.29 -11.41 24.80
CA THR A 51 -35.34 -10.41 24.67
C THR A 51 -36.38 -10.85 23.63
N PRO A 52 -37.65 -10.94 24.04
CA PRO A 52 -38.72 -11.35 23.13
C PRO A 52 -38.95 -10.48 21.88
N VAL A 53 -39.28 -11.15 20.78
CA VAL A 53 -39.52 -10.50 19.50
C VAL A 53 -40.94 -10.85 19.01
N LYS A 54 -41.89 -9.92 19.10
CA LYS A 54 -43.28 -10.20 18.66
C LYS A 54 -43.63 -9.56 17.31
N GLU A 55 -43.89 -10.37 16.28
CA GLU A 55 -44.21 -9.82 14.96
C GLU A 55 -45.66 -9.97 14.47
N VAL A 56 -46.29 -8.84 14.11
CA VAL A 56 -47.66 -8.88 13.60
C VAL A 56 -47.66 -8.80 12.08
N LEU A 57 -48.69 -9.32 11.44
CA LEU A 57 -48.69 -9.26 10.01
C LEU A 57 -50.02 -9.68 9.38
N GLU A 58 -50.32 -9.11 8.21
CA GLU A 58 -51.55 -9.39 7.46
C GLU A 58 -51.66 -10.87 7.17
N MSE B 1 -39.57 -5.30 28.53
CA MSE B 1 -38.84 -4.85 27.30
C MSE B 1 -38.93 -5.93 26.20
O MSE B 1 -38.57 -7.08 26.42
CB MSE B 1 -37.38 -4.54 27.68
CG MSE B 1 -36.59 -3.69 26.65
SE MSE B 1 -34.77 -2.97 27.18
CE MSE B 1 -34.07 -4.55 28.14
N TYR B 2 -39.48 -5.55 25.02
CA TYR B 2 -39.59 -6.48 23.89
C TYR B 2 -39.62 -5.76 22.55
N PHE B 3 -39.22 -6.48 21.49
CA PHE B 3 -39.22 -5.89 20.15
C PHE B 3 -40.55 -6.23 19.49
N GLU B 4 -40.95 -5.41 18.52
CA GLU B 4 -42.22 -5.60 17.83
C GLU B 4 -42.09 -5.30 16.33
N ILE B 5 -42.34 -6.30 15.48
CA ILE B 5 -42.24 -6.17 14.04
C ILE B 5 -43.63 -6.05 13.39
N TYR B 6 -43.81 -5.04 12.54
CA TYR B 6 -45.10 -4.82 11.89
C TYR B 6 -44.98 -4.21 10.50
N LYS B 7 -46.11 -4.05 9.83
CA LYS B 7 -46.12 -3.47 8.49
C LYS B 7 -46.87 -2.13 8.55
N ASP B 8 -46.25 -1.02 8.17
CA ASP B 8 -46.94 0.28 8.26
C ASP B 8 -47.97 0.49 7.15
N ALA B 9 -48.53 1.70 7.10
CA ALA B 9 -49.56 2.05 6.10
C ALA B 9 -49.02 2.23 4.67
N LYS B 10 -47.76 2.62 4.54
CA LYS B 10 -47.15 2.83 3.23
C LYS B 10 -46.87 1.53 2.53
N GLY B 11 -46.61 0.48 3.30
CA GLY B 11 -46.33 -0.81 2.69
C GLY B 11 -44.93 -1.35 2.90
N GLU B 12 -44.28 -1.00 4.01
CA GLU B 12 -42.93 -1.49 4.31
C GLU B 12 -42.77 -2.01 5.74
N TYR B 13 -41.85 -2.95 5.94
CA TYR B 13 -41.63 -3.56 7.25
C TYR B 13 -40.76 -2.76 8.22
N ARG B 14 -41.18 -2.71 9.47
CA ARG B 14 -40.37 -1.98 10.44
C ARG B 14 -40.44 -2.52 11.87
N TRP B 15 -39.58 -2.03 12.74
CA TRP B 15 -39.53 -2.50 14.12
C TRP B 15 -39.56 -1.36 15.14
N ARG B 16 -39.81 -1.71 16.39
CA ARG B 16 -39.86 -0.75 17.50
C ARG B 16 -39.75 -1.47 18.86
N LEU B 17 -38.96 -0.92 19.77
CA LEU B 17 -38.77 -1.52 21.10
C LEU B 17 -39.74 -0.94 22.13
N LYS B 18 -40.57 -1.80 22.72
CA LYS B 18 -41.53 -1.35 23.72
C LYS B 18 -41.08 -1.68 25.14
N ALA B 19 -41.45 -0.82 26.09
CA ALA B 19 -41.10 -1.01 27.49
C ALA B 19 -42.05 -1.98 28.18
N ALA B 20 -41.98 -2.05 29.50
CA ALA B 20 -42.85 -2.96 30.26
C ALA B 20 -44.33 -2.59 30.13
N ASN B 21 -44.61 -1.28 30.11
CA ASN B 21 -45.96 -0.75 30.00
C ASN B 21 -46.42 -0.56 28.55
N HIS B 22 -45.81 -1.30 27.64
CA HIS B 22 -46.15 -1.21 26.22
C HIS B 22 -45.84 0.19 25.68
N GLU B 23 -44.88 0.88 26.31
CA GLU B 23 -44.48 2.22 25.89
C GLU B 23 -43.35 2.18 24.86
N ILE B 24 -43.47 2.98 23.80
CA ILE B 24 -42.46 3.01 22.75
C ILE B 24 -41.16 3.65 23.22
N ILE B 25 -40.06 2.89 23.15
CA ILE B 25 -38.74 3.39 23.56
C ILE B 25 -37.86 3.75 22.39
N ALA B 26 -38.08 3.12 21.24
CA ALA B 26 -37.29 3.42 20.07
C ALA B 26 -37.99 2.97 18.80
N GLN B 27 -37.83 3.76 17.73
CA GLN B 27 -38.44 3.47 16.44
C GLN B 27 -37.35 3.15 15.43
N GLY B 28 -37.63 2.20 14.55
CA GLY B 28 -36.67 1.82 13.53
C GLY B 28 -37.04 2.44 12.18
N GLU B 29 -36.34 2.02 11.13
CA GLU B 29 -36.60 2.54 9.80
C GLU B 29 -37.16 1.43 8.92
N GLY B 30 -37.55 1.80 7.70
CA GLY B 30 -38.16 0.85 6.78
C GLY B 30 -37.30 -0.21 6.14
N TYR B 31 -37.97 -1.21 5.59
CA TYR B 31 -37.27 -2.30 4.92
C TYR B 31 -38.11 -2.81 3.76
N THR B 32 -37.43 -3.53 2.86
CA THR B 32 -38.05 -4.10 1.69
C THR B 32 -38.86 -5.35 2.01
N SER B 33 -38.19 -6.45 2.34
CA SER B 33 -38.84 -7.72 2.66
C SER B 33 -38.90 -7.94 4.16
N LYS B 34 -39.77 -8.83 4.63
CA LYS B 34 -39.88 -9.11 6.05
C LYS B 34 -38.62 -9.83 6.54
N GLN B 35 -37.99 -10.55 5.63
CA GLN B 35 -36.79 -11.29 5.95
C GLN B 35 -35.66 -10.37 6.35
N ASN B 36 -35.42 -9.33 5.56
CA ASN B 36 -34.36 -8.40 5.88
C ASN B 36 -34.56 -7.67 7.21
N CYS B 37 -35.82 -7.40 7.54
CA CYS B 37 -36.13 -6.70 8.78
C CYS B 37 -35.84 -7.56 9.98
N GLN B 38 -36.16 -8.83 9.87
CA GLN B 38 -35.93 -9.76 10.96
C GLN B 38 -34.43 -9.97 11.22
N HIS B 39 -33.63 -9.95 10.15
CA HIS B 39 -32.19 -10.13 10.25
C HIS B 39 -31.57 -8.95 10.99
N ALA B 40 -32.04 -7.74 10.70
CA ALA B 40 -31.55 -6.54 11.35
C ALA B 40 -31.79 -6.61 12.85
N VAL B 41 -32.99 -7.03 13.26
CA VAL B 41 -33.32 -7.14 14.67
C VAL B 41 -32.43 -8.14 15.41
N ASP B 42 -32.14 -9.27 14.77
CA ASP B 42 -31.29 -10.28 15.39
C ASP B 42 -29.88 -9.74 15.61
N LEU B 43 -29.39 -8.94 14.66
CA LEU B 43 -28.05 -8.36 14.80
C LEU B 43 -28.02 -7.34 15.94
N LEU B 44 -29.07 -6.54 16.07
CA LEU B 44 -29.14 -5.54 17.14
C LEU B 44 -29.11 -6.23 18.48
N LYS B 45 -29.91 -7.28 18.65
CA LYS B 45 -29.94 -7.97 19.93
C LYS B 45 -28.69 -8.82 20.21
N SER B 46 -27.87 -9.07 19.20
CA SER B 46 -26.65 -9.84 19.43
C SER B 46 -25.56 -8.88 19.88
N THR B 47 -25.90 -7.58 19.88
CA THR B 47 -24.99 -6.52 20.30
C THR B 47 -24.80 -6.54 21.81
N THR B 48 -23.56 -6.35 22.27
CA THR B 48 -23.28 -6.38 23.69
C THR B 48 -22.93 -5.00 24.27
N ALA B 49 -22.63 -4.93 25.57
CA ALA B 49 -22.28 -3.67 26.20
C ALA B 49 -20.83 -3.32 25.88
N ALA B 50 -20.19 -4.17 25.09
CA ALA B 50 -18.81 -3.98 24.66
C ALA B 50 -18.79 -3.48 23.19
N THR B 51 -19.96 -3.16 22.64
CA THR B 51 -20.04 -2.62 21.27
C THR B 51 -19.74 -1.12 21.37
N PRO B 52 -18.67 -0.67 20.72
CA PRO B 52 -18.23 0.74 20.70
C PRO B 52 -19.27 1.76 20.19
N VAL B 53 -19.28 2.96 20.78
CA VAL B 53 -20.19 4.04 20.40
C VAL B 53 -19.32 5.20 19.94
N LYS B 54 -19.38 5.53 18.65
CA LYS B 54 -18.55 6.58 18.06
C LYS B 54 -19.32 7.76 17.51
N GLU B 55 -18.76 8.96 17.68
CA GLU B 55 -19.41 10.16 17.17
C GLU B 55 -18.53 10.85 16.11
N VAL B 56 -19.17 11.14 14.97
CA VAL B 56 -18.57 11.82 13.82
C VAL B 56 -18.43 13.32 14.12
N LEU B 57 -17.19 13.80 14.19
CA LEU B 57 -16.97 15.20 14.46
C LEU B 57 -16.11 15.75 13.35
N MSE C 1 -1.09 0.61 -22.16
CA MSE C 1 -1.12 -0.69 -21.42
C MSE C 1 -1.15 -1.82 -22.44
O MSE C 1 -1.95 -1.80 -23.37
CB MSE C 1 -2.36 -0.74 -20.50
CG MSE C 1 -2.11 -1.54 -19.22
SE MSE C 1 -3.51 -1.57 -17.86
CE MSE C 1 -4.67 -2.93 -18.65
N TYR C 2 -0.27 -2.79 -22.28
CA TYR C 2 -0.20 -3.91 -23.23
C TYR C 2 0.44 -5.16 -22.62
N PHE C 3 0.15 -6.32 -23.21
CA PHE C 3 0.71 -7.56 -22.74
C PHE C 3 1.98 -7.85 -23.53
N GLU C 4 2.92 -8.58 -22.93
CA GLU C 4 4.19 -8.91 -23.56
C GLU C 4 4.58 -10.37 -23.31
N ILE C 5 4.73 -11.15 -24.38
CA ILE C 5 5.10 -12.57 -24.28
C ILE C 5 6.58 -12.81 -24.67
N TYR C 6 7.32 -13.46 -23.79
CA TYR C 6 8.74 -13.71 -24.03
C TYR C 6 9.22 -15.05 -23.49
N LYS C 7 10.49 -15.37 -23.75
CA LYS C 7 11.07 -16.62 -23.27
C LYS C 7 12.13 -16.34 -22.20
N ASP C 8 11.94 -16.93 -21.02
CA ASP C 8 12.84 -16.78 -19.86
C ASP C 8 14.12 -17.63 -19.93
N ALA C 9 14.86 -17.68 -18.83
CA ALA C 9 16.11 -18.44 -18.81
C ALA C 9 15.90 -19.95 -18.87
N LYS C 10 14.90 -20.44 -18.14
CA LYS C 10 14.62 -21.86 -18.13
C LYS C 10 14.13 -22.32 -19.51
N GLY C 11 13.87 -21.37 -20.40
CA GLY C 11 13.40 -21.71 -21.73
C GLY C 11 11.89 -21.65 -21.95
N GLU C 12 11.11 -21.78 -20.89
CA GLU C 12 9.65 -21.73 -21.02
C GLU C 12 9.15 -20.33 -21.40
N TYR C 13 7.92 -20.23 -21.90
CA TYR C 13 7.36 -18.93 -22.30
C TYR C 13 6.47 -18.29 -21.22
N ARG C 14 6.38 -16.95 -21.19
CA ARG C 14 5.56 -16.27 -20.19
C ARG C 14 5.11 -14.84 -20.56
N TRP C 15 4.27 -14.22 -19.74
CA TRP C 15 3.79 -12.87 -20.07
C TRP C 15 4.01 -11.90 -18.94
N ARG C 16 3.81 -10.62 -19.22
CA ARG C 16 3.93 -9.61 -18.19
C ARG C 16 3.11 -8.44 -18.69
N LEU C 17 2.32 -7.87 -17.79
CA LEU C 17 1.45 -6.76 -18.12
C LEU C 17 2.18 -5.45 -17.89
N LYS C 18 2.51 -4.79 -19.00
CA LYS C 18 3.21 -3.53 -18.94
C LYS C 18 2.30 -2.32 -19.01
N ALA C 19 2.50 -1.42 -18.05
CA ALA C 19 1.75 -0.18 -17.91
C ALA C 19 2.05 0.80 -19.02
N ALA C 20 1.32 1.91 -19.03
CA ALA C 20 1.51 2.95 -20.04
C ALA C 20 2.90 3.57 -19.95
N ASN C 21 3.43 3.73 -18.73
CA ASN C 21 4.75 4.31 -18.54
C ASN C 21 5.88 3.28 -18.48
N HIS C 22 5.69 2.17 -19.17
CA HIS C 22 6.68 1.10 -19.23
C HIS C 22 6.99 0.54 -17.84
N GLU C 23 5.96 0.29 -17.05
CA GLU C 23 6.12 -0.26 -15.70
C GLU C 23 5.32 -1.52 -15.49
N ILE C 24 6.02 -2.62 -15.24
CA ILE C 24 5.37 -3.90 -15.01
C ILE C 24 4.42 -3.81 -13.82
N ILE C 25 3.17 -4.17 -14.07
CA ILE C 25 2.10 -4.15 -13.07
C ILE C 25 1.87 -5.56 -12.51
N ALA C 26 2.08 -6.56 -13.34
CA ALA C 26 1.88 -7.92 -12.88
C ALA C 26 2.65 -8.92 -13.76
N GLN C 27 3.16 -9.97 -13.14
CA GLN C 27 3.91 -10.99 -13.88
C GLN C 27 3.14 -12.30 -13.95
N GLY C 28 3.52 -13.14 -14.90
CA GLY C 28 2.85 -14.42 -15.05
C GLY C 28 3.75 -15.57 -14.63
N GLU C 29 3.38 -16.77 -15.07
CA GLU C 29 4.15 -17.99 -14.74
C GLU C 29 4.61 -18.72 -16.01
N GLY C 30 5.62 -19.57 -15.87
CA GLY C 30 6.14 -20.31 -17.01
C GLY C 30 5.16 -21.31 -17.60
N TYR C 31 5.05 -21.30 -18.92
CA TYR C 31 4.15 -22.19 -19.64
C TYR C 31 4.95 -23.05 -20.62
N THR C 32 4.42 -24.22 -20.93
CA THR C 32 5.07 -25.16 -21.86
C THR C 32 5.26 -24.62 -23.28
N SER C 33 4.17 -24.32 -23.98
CA SER C 33 4.28 -23.81 -25.35
C SER C 33 3.80 -22.37 -25.49
N LYS C 34 4.28 -21.69 -26.53
CA LYS C 34 3.87 -20.31 -26.73
C LYS C 34 2.35 -20.26 -26.84
N GLN C 35 1.77 -21.36 -27.31
CA GLN C 35 0.33 -21.45 -27.47
C GLN C 35 -0.38 -21.36 -26.13
N ASN C 36 0.09 -22.14 -25.16
CA ASN C 36 -0.55 -22.12 -23.84
C ASN C 36 -0.45 -20.77 -23.15
N CYS C 37 0.64 -20.05 -23.39
CA CYS C 37 0.86 -18.76 -22.78
C CYS C 37 -0.12 -17.73 -23.32
N GLN C 38 -0.35 -17.77 -24.62
CA GLN C 38 -1.24 -16.84 -25.27
C GLN C 38 -2.70 -17.09 -24.84
N HIS C 39 -3.04 -18.34 -24.56
CA HIS C 39 -4.40 -18.68 -24.15
C HIS C 39 -4.68 -18.10 -22.76
N ALA C 40 -3.68 -18.17 -21.88
CA ALA C 40 -3.80 -17.67 -20.53
C ALA C 40 -4.06 -16.16 -20.58
N VAL C 41 -3.30 -15.45 -21.42
CA VAL C 41 -3.48 -14.01 -21.54
C VAL C 41 -4.88 -13.63 -22.04
N ASP C 42 -5.40 -14.38 -22.99
CA ASP C 42 -6.73 -14.08 -23.51
C ASP C 42 -7.79 -14.27 -22.42
N LEU C 43 -7.60 -15.26 -21.56
CA LEU C 43 -8.54 -15.51 -20.48
C LEU C 43 -8.51 -14.38 -19.44
N LEU C 44 -7.31 -13.90 -19.14
CA LEU C 44 -7.15 -12.81 -18.17
C LEU C 44 -7.86 -11.56 -18.68
N LYS C 45 -7.63 -11.22 -19.94
CA LYS C 45 -8.27 -10.04 -20.49
C LYS C 45 -9.77 -10.18 -20.72
N SER C 46 -10.29 -11.40 -20.69
CA SER C 46 -11.72 -11.59 -20.87
C SER C 46 -12.41 -11.38 -19.52
N THR C 47 -11.62 -11.12 -18.49
CA THR C 47 -12.21 -10.92 -17.17
C THR C 47 -12.81 -9.50 -17.07
N THR C 48 -13.89 -9.40 -16.29
CA THR C 48 -14.59 -8.14 -16.10
C THR C 48 -14.46 -7.59 -14.68
N ALA C 49 -14.89 -6.35 -14.49
CA ALA C 49 -14.84 -5.69 -13.18
C ALA C 49 -15.80 -6.32 -12.17
N ALA C 50 -16.78 -7.05 -12.68
CA ALA C 50 -17.78 -7.74 -11.85
C ALA C 50 -17.26 -9.05 -11.25
N THR C 51 -16.16 -9.58 -11.81
CA THR C 51 -15.54 -10.83 -11.34
C THR C 51 -15.20 -10.76 -9.85
N PRO C 52 -15.82 -11.62 -9.02
CA PRO C 52 -15.49 -11.54 -7.59
C PRO C 52 -14.03 -11.78 -7.20
N VAL C 53 -13.65 -11.32 -6.00
CA VAL C 53 -12.29 -11.48 -5.49
C VAL C 53 -12.34 -11.91 -4.02
N LYS C 54 -11.78 -13.08 -3.70
CA LYS C 54 -11.80 -13.58 -2.32
C LYS C 54 -10.42 -13.60 -1.66
N GLU C 55 -10.38 -13.35 -0.36
CA GLU C 55 -9.10 -13.31 0.37
C GLU C 55 -9.07 -13.97 1.75
N VAL C 56 -7.91 -14.49 2.12
CA VAL C 56 -7.75 -15.14 3.42
C VAL C 56 -6.76 -14.41 4.31
N LEU C 57 -7.22 -14.01 5.49
CA LEU C 57 -6.36 -13.31 6.42
C LEU C 57 -5.76 -14.22 7.48
N GLU C 58 -4.44 -14.11 7.62
CA GLU C 58 -3.68 -14.88 8.60
C GLU C 58 -4.16 -14.49 10.00
N MSE D 1 -15.47 -18.16 -12.53
CA MSE D 1 -14.16 -17.47 -12.67
C MSE D 1 -13.96 -16.38 -11.61
O MSE D 1 -14.60 -15.32 -11.66
CB MSE D 1 -14.05 -16.88 -14.08
CG MSE D 1 -12.67 -16.40 -14.46
SE MSE D 1 -12.45 -16.08 -16.40
CE MSE D 1 -13.20 -14.28 -16.53
N TYR D 2 -13.09 -16.62 -10.64
CA TYR D 2 -12.84 -15.63 -9.59
C TYR D 2 -11.37 -15.51 -9.21
N PHE D 3 -11.00 -14.36 -8.65
CA PHE D 3 -9.61 -14.15 -8.21
C PHE D 3 -9.54 -14.51 -6.74
N GLU D 4 -8.34 -14.89 -6.29
CA GLU D 4 -8.13 -15.30 -4.89
C GLU D 4 -6.79 -14.76 -4.38
N ILE D 5 -6.84 -13.94 -3.32
CA ILE D 5 -5.66 -13.34 -2.72
C ILE D 5 -5.29 -14.04 -1.40
N TYR D 6 -4.02 -14.42 -1.25
CA TYR D 6 -3.58 -15.12 -0.06
C TYR D 6 -2.13 -14.84 0.29
N LYS D 7 -1.67 -15.37 1.42
CA LYS D 7 -0.29 -15.18 1.87
C LYS D 7 0.45 -16.53 1.86
N ASP D 8 1.63 -16.64 1.26
CA ASP D 8 2.30 -17.93 1.24
C ASP D 8 3.19 -18.23 2.46
N ALA D 9 3.87 -19.37 2.43
CA ALA D 9 4.72 -19.77 3.57
C ALA D 9 6.00 -18.95 3.65
N LYS D 10 6.24 -18.12 2.65
CA LYS D 10 7.44 -17.27 2.65
C LYS D 10 7.07 -15.85 3.09
N GLY D 11 5.81 -15.67 3.51
CA GLY D 11 5.38 -14.38 3.99
C GLY D 11 5.03 -13.32 2.97
N GLU D 12 4.70 -13.72 1.74
CA GLU D 12 4.34 -12.72 0.74
C GLU D 12 2.92 -12.90 0.23
N TYR D 13 2.40 -11.87 -0.41
CA TYR D 13 1.04 -11.86 -0.95
C TYR D 13 0.99 -12.17 -2.44
N ARG D 14 0.23 -13.19 -2.81
CA ARG D 14 0.10 -13.53 -4.20
C ARG D 14 -1.33 -13.82 -4.60
N TRP D 15 -1.59 -13.81 -5.91
CA TRP D 15 -2.93 -14.07 -6.42
C TRP D 15 -2.97 -15.23 -7.40
N ARG D 16 -4.17 -15.74 -7.62
CA ARG D 16 -4.40 -16.82 -8.57
C ARG D 16 -5.84 -16.70 -9.10
N LEU D 17 -5.96 -16.68 -10.43
CA LEU D 17 -7.27 -16.58 -11.07
C LEU D 17 -7.73 -18.02 -11.37
N LYS D 18 -8.61 -18.57 -10.52
CA LYS D 18 -9.14 -19.94 -10.68
C LYS D 18 -10.39 -19.96 -11.54
N ALA D 19 -10.64 -21.11 -12.16
CA ALA D 19 -11.80 -21.32 -13.01
C ALA D 19 -13.01 -21.75 -12.18
N ALA D 20 -14.17 -21.89 -12.81
CA ALA D 20 -15.39 -22.29 -12.11
C ALA D 20 -15.23 -23.60 -11.32
N ASN D 21 -14.51 -24.57 -11.90
CA ASN D 21 -14.25 -25.85 -11.24
C ASN D 21 -13.00 -25.75 -10.39
N HIS D 22 -12.66 -24.53 -9.96
CA HIS D 22 -11.50 -24.31 -9.11
C HIS D 22 -10.19 -24.71 -9.76
N GLU D 23 -10.16 -24.65 -11.09
CA GLU D 23 -8.95 -24.97 -11.82
C GLU D 23 -8.08 -23.73 -11.99
N ILE D 24 -6.85 -23.81 -11.49
CA ILE D 24 -5.92 -22.70 -11.58
C ILE D 24 -5.60 -22.37 -13.04
N ILE D 25 -6.06 -21.19 -13.48
CA ILE D 25 -5.87 -20.69 -14.84
C ILE D 25 -4.58 -19.91 -15.03
N ALA D 26 -4.18 -19.18 -13.99
CA ALA D 26 -2.98 -18.37 -14.04
C ALA D 26 -2.46 -18.16 -12.62
N GLN D 27 -1.14 -18.18 -12.46
CA GLN D 27 -0.47 -18.01 -11.16
C GLN D 27 0.30 -16.67 -11.17
N GLY D 28 -0.10 -15.72 -10.33
CA GLY D 28 0.59 -14.44 -10.28
C GLY D 28 1.88 -14.49 -9.47
N GLU D 29 2.64 -13.39 -9.46
CA GLU D 29 3.90 -13.29 -8.72
C GLU D 29 3.61 -12.85 -7.28
N GLY D 30 4.66 -12.69 -6.47
CA GLY D 30 4.46 -12.29 -5.08
C GLY D 30 4.63 -10.79 -4.82
N TYR D 31 4.07 -10.32 -3.72
CA TYR D 31 4.18 -8.90 -3.35
C TYR D 31 4.67 -8.73 -1.92
N THR D 32 4.72 -7.48 -1.48
CA THR D 32 5.15 -7.19 -0.14
C THR D 32 3.97 -6.82 0.75
N SER D 33 3.15 -5.86 0.32
CA SER D 33 2.00 -5.47 1.13
C SER D 33 0.73 -6.02 0.51
N LYS D 34 -0.33 -6.17 1.30
CA LYS D 34 -1.58 -6.68 0.77
C LYS D 34 -2.21 -5.65 -0.13
N GLN D 35 -1.91 -4.38 0.15
CA GLN D 35 -2.44 -3.27 -0.61
C GLN D 35 -1.97 -3.34 -2.07
N ASN D 36 -0.68 -3.51 -2.27
CA ASN D 36 -0.16 -3.56 -3.64
C ASN D 36 -0.71 -4.74 -4.44
N CYS D 37 -0.98 -5.84 -3.76
CA CYS D 37 -1.50 -7.02 -4.43
C CYS D 37 -2.91 -6.78 -4.93
N GLN D 38 -3.70 -6.12 -4.11
CA GLN D 38 -5.08 -5.86 -4.46
C GLN D 38 -5.18 -4.87 -5.64
N HIS D 39 -4.23 -3.94 -5.72
CA HIS D 39 -4.22 -2.94 -6.79
C HIS D 39 -3.93 -3.61 -8.13
N ALA D 40 -3.01 -4.58 -8.12
CA ALA D 40 -2.64 -5.31 -9.31
C ALA D 40 -3.85 -6.07 -9.86
N VAL D 41 -4.60 -6.71 -8.96
CA VAL D 41 -5.79 -7.45 -9.38
C VAL D 41 -6.85 -6.55 -10.02
N ASP D 42 -7.07 -5.36 -9.44
CA ASP D 42 -8.05 -4.43 -9.98
C ASP D 42 -7.65 -3.98 -11.38
N LEU D 43 -6.35 -3.78 -11.60
CA LEU D 43 -5.88 -3.37 -12.93
C LEU D 43 -6.08 -4.49 -13.96
N LEU D 44 -5.78 -5.73 -13.57
CA LEU D 44 -5.97 -6.85 -14.48
C LEU D 44 -7.43 -6.96 -14.89
N LYS D 45 -8.35 -6.87 -13.92
CA LYS D 45 -9.76 -6.98 -14.25
C LYS D 45 -10.34 -5.77 -14.98
N SER D 46 -9.62 -4.66 -15.00
CA SER D 46 -10.11 -3.49 -15.72
C SER D 46 -9.66 -3.63 -17.17
N THR D 47 -8.90 -4.69 -17.46
CA THR D 47 -8.40 -5.00 -18.80
C THR D 47 -9.54 -5.40 -19.74
N THR D 48 -9.61 -4.73 -20.88
CA THR D 48 -10.63 -5.00 -21.90
C THR D 48 -10.08 -5.99 -22.92
N ALA D 49 -10.93 -6.44 -23.85
CA ALA D 49 -10.50 -7.38 -24.89
C ALA D 49 -9.91 -6.63 -26.07
N ALA D 50 -9.40 -5.42 -25.84
CA ALA D 50 -8.81 -4.71 -26.95
C ALA D 50 -7.33 -4.48 -26.63
N THR D 51 -6.93 -4.72 -25.37
CA THR D 51 -5.53 -4.56 -24.90
C THR D 51 -4.62 -5.38 -25.82
N PRO D 52 -3.62 -4.75 -26.45
CA PRO D 52 -2.70 -5.47 -27.37
C PRO D 52 -1.75 -6.52 -26.78
N VAL D 53 -1.32 -7.48 -27.62
CA VAL D 53 -0.40 -8.56 -27.23
C VAL D 53 0.77 -8.62 -28.21
N LYS D 54 1.96 -8.27 -27.76
CA LYS D 54 3.09 -8.28 -28.68
C LYS D 54 4.31 -8.98 -28.12
N GLU D 55 5.13 -9.55 -29.01
CA GLU D 55 6.33 -10.24 -28.55
C GLU D 55 7.60 -9.64 -29.12
N VAL D 56 8.72 -9.83 -28.41
CA VAL D 56 10.01 -9.32 -28.86
C VAL D 56 10.73 -10.24 -29.83
N LEU D 57 11.72 -9.69 -30.54
CA LEU D 57 12.53 -10.45 -31.51
C LEU D 57 13.81 -9.69 -31.91
N MSE E 1 31.90 0.85 -0.37
CA MSE E 1 31.69 0.77 -1.85
C MSE E 1 31.88 -0.69 -2.23
O MSE E 1 32.82 -1.35 -1.77
CB MSE E 1 32.71 1.68 -2.55
CG MSE E 1 32.45 1.96 -4.04
SE MSE E 1 33.46 3.50 -4.79
CE MSE E 1 35.17 2.65 -5.22
N TYR E 2 30.99 -1.22 -3.06
CA TYR E 2 31.12 -2.62 -3.46
C TYR E 2 30.40 -2.95 -4.77
N PHE E 3 30.84 -4.03 -5.43
CA PHE E 3 30.24 -4.45 -6.69
C PHE E 3 29.15 -5.46 -6.36
N GLU E 4 28.15 -5.56 -7.23
CA GLU E 4 27.04 -6.47 -7.04
C GLU E 4 26.66 -7.16 -8.35
N ILE E 5 26.73 -8.49 -8.39
CA ILE E 5 26.41 -9.29 -9.60
C ILE E 5 25.04 -9.97 -9.43
N TYR E 6 24.17 -9.81 -10.41
CA TYR E 6 22.84 -10.40 -10.35
C TYR E 6 22.30 -10.80 -11.73
N LYS E 7 21.12 -11.43 -11.74
CA LYS E 7 20.48 -11.85 -12.98
C LYS E 7 19.16 -11.12 -13.25
N ASP E 8 18.93 -10.76 -14.52
CA ASP E 8 17.70 -10.06 -14.92
C ASP E 8 16.61 -11.01 -15.44
N ALA E 9 15.35 -10.57 -15.41
CA ALA E 9 14.21 -11.41 -15.84
C ALA E 9 14.46 -12.21 -17.12
N LYS E 10 15.38 -11.69 -17.95
CA LYS E 10 15.74 -12.35 -19.20
C LYS E 10 16.47 -13.67 -18.92
N GLY E 11 17.46 -13.64 -18.03
CA GLY E 11 18.20 -14.85 -17.71
C GLY E 11 19.71 -14.70 -17.76
N GLU E 12 20.17 -13.51 -18.11
CA GLU E 12 21.60 -13.19 -18.21
C GLU E 12 22.13 -12.51 -16.97
N TYR E 13 23.44 -12.38 -16.89
CA TYR E 13 24.04 -11.76 -15.72
C TYR E 13 24.51 -10.36 -16.00
N ARG E 14 24.51 -9.52 -14.97
CA ARG E 14 24.95 -8.16 -15.12
C ARG E 14 25.41 -7.64 -13.78
N TRP E 15 26.23 -6.60 -13.81
CA TRP E 15 26.78 -6.00 -12.62
C TRP E 15 26.38 -4.52 -12.37
N ARG E 16 26.75 -4.00 -11.19
CA ARG E 16 26.48 -2.61 -10.78
C ARG E 16 27.32 -2.20 -9.55
N LEU E 17 27.76 -0.94 -9.52
CA LEU E 17 28.58 -0.41 -8.41
C LEU E 17 27.72 0.39 -7.44
N LYS E 18 27.78 0.08 -6.15
CA LYS E 18 26.97 0.80 -5.15
C LYS E 18 27.78 1.60 -4.13
N ALA E 19 27.19 2.70 -3.62
CA ALA E 19 27.87 3.53 -2.63
C ALA E 19 27.69 3.04 -1.19
N ALA E 20 28.30 3.72 -0.23
CA ALA E 20 28.23 3.34 1.19
C ALA E 20 26.91 3.78 1.82
N ASN E 21 26.08 4.45 1.02
CA ASN E 21 24.79 4.92 1.47
C ASN E 21 23.72 4.27 0.61
N HIS E 22 24.11 3.25 -0.14
CA HIS E 22 23.21 2.51 -1.01
C HIS E 22 22.71 3.38 -2.18
N GLU E 23 23.48 3.39 -3.26
CA GLU E 23 23.14 4.17 -4.43
C GLU E 23 23.92 3.66 -5.62
N ILE E 24 23.22 3.48 -6.73
CA ILE E 24 23.83 3.01 -7.95
C ILE E 24 24.74 4.07 -8.54
N ILE E 25 26.00 3.70 -8.76
CA ILE E 25 27.02 4.57 -9.31
C ILE E 25 27.35 4.22 -10.76
N ALA E 26 27.25 2.93 -11.12
CA ALA E 26 27.55 2.52 -12.48
C ALA E 26 26.94 1.18 -12.80
N GLN E 27 26.37 1.10 -14.01
CA GLN E 27 25.69 -0.09 -14.55
C GLN E 27 26.47 -0.69 -15.71
N GLY E 28 26.43 -2.01 -15.85
CA GLY E 28 27.17 -2.67 -16.92
C GLY E 28 26.38 -3.61 -17.83
N GLU E 29 26.82 -3.68 -19.09
CA GLU E 29 26.20 -4.51 -20.13
C GLU E 29 25.91 -5.94 -19.69
N GLY E 30 24.92 -6.55 -20.34
CA GLY E 30 24.54 -7.92 -20.04
C GLY E 30 25.41 -8.94 -20.76
N TYR E 31 25.89 -9.94 -20.04
CA TYR E 31 26.74 -10.95 -20.63
C TYR E 31 26.02 -12.31 -20.81
N THR E 32 26.66 -13.22 -21.56
CA THR E 32 26.08 -14.54 -21.83
C THR E 32 26.04 -15.39 -20.56
N SER E 33 27.21 -15.56 -19.96
CA SER E 33 27.37 -16.36 -18.75
C SER E 33 27.84 -15.51 -17.57
N LYS E 34 27.70 -16.05 -16.36
CA LYS E 34 28.12 -15.37 -15.15
C LYS E 34 29.64 -15.20 -15.17
N GLN E 35 30.31 -16.08 -15.90
CA GLN E 35 31.75 -16.03 -16.02
C GLN E 35 32.23 -14.75 -16.70
N ASN E 36 31.61 -14.41 -17.83
CA ASN E 36 32.01 -13.20 -18.55
C ASN E 36 31.77 -11.94 -17.73
N CYS E 37 30.73 -11.95 -16.91
CA CYS E 37 30.40 -10.78 -16.10
C CYS E 37 31.45 -10.56 -15.02
N GLN E 38 31.88 -11.64 -14.40
CA GLN E 38 32.87 -11.55 -13.36
C GLN E 38 34.22 -11.08 -13.90
N HIS E 39 34.54 -11.47 -15.14
CA HIS E 39 35.80 -11.08 -15.76
C HIS E 39 35.82 -9.58 -16.01
N ALA E 40 34.69 -9.05 -16.44
CA ALA E 40 34.58 -7.61 -16.70
C ALA E 40 34.82 -6.81 -15.41
N VAL E 41 34.22 -7.25 -14.31
CA VAL E 41 34.40 -6.59 -13.03
C VAL E 41 35.86 -6.60 -12.57
N ASP E 42 36.56 -7.71 -12.77
CA ASP E 42 37.96 -7.82 -12.38
C ASP E 42 38.83 -6.84 -13.18
N LEU E 43 38.51 -6.65 -14.46
CA LEU E 43 39.27 -5.73 -15.30
C LEU E 43 39.04 -4.28 -14.86
N LEU E 44 37.78 -3.95 -14.53
CA LEU E 44 37.46 -2.59 -14.08
C LEU E 44 38.23 -2.26 -12.81
N LYS E 45 38.24 -3.19 -11.85
CA LYS E 45 38.93 -2.93 -10.61
C LYS E 45 40.45 -2.98 -10.72
N SER E 46 40.98 -3.49 -11.82
CA SER E 46 42.42 -3.55 -12.00
C SER E 46 42.88 -2.23 -12.60
N THR E 47 41.93 -1.38 -12.93
CA THR E 47 42.25 -0.10 -13.49
C THR E 47 42.69 0.72 -12.29
N THR E 48 43.77 1.48 -12.44
CA THR E 48 44.32 2.31 -11.37
C THR E 48 43.89 3.77 -11.55
N ALA E 49 44.24 4.62 -10.59
CA ALA E 49 43.89 6.02 -10.69
C ALA E 49 44.65 6.71 -11.83
N ALA E 50 45.84 6.22 -12.13
CA ALA E 50 46.66 6.81 -13.21
C ALA E 50 46.15 6.49 -14.62
N THR E 51 45.25 5.52 -14.72
CA THR E 51 44.71 5.16 -16.02
C THR E 51 44.08 6.39 -16.71
N PRO E 52 44.54 6.68 -17.95
CA PRO E 52 44.04 7.83 -18.73
C PRO E 52 42.58 7.77 -19.15
N VAL E 53 42.01 8.92 -19.50
CA VAL E 53 40.62 8.96 -19.95
C VAL E 53 40.49 9.89 -21.16
N LYS E 54 40.31 9.34 -22.37
CA LYS E 54 40.17 10.15 -23.59
C LYS E 54 38.69 10.41 -23.86
N GLU E 55 38.35 11.54 -24.47
CA GLU E 55 36.94 11.83 -24.76
C GLU E 55 36.75 12.30 -26.21
N VAL E 56 35.90 11.64 -26.99
CA VAL E 56 35.71 12.07 -28.38
C VAL E 56 34.60 13.10 -28.51
N LEU E 57 34.71 13.98 -29.51
CA LEU E 57 33.69 14.99 -29.68
C LEU E 57 33.83 15.64 -31.05
N GLU E 58 32.77 16.31 -31.51
CA GLU E 58 32.79 16.97 -32.81
C GLU E 58 33.67 18.22 -32.73
N HIS E 59 34.25 18.60 -33.87
CA HIS E 59 35.11 19.77 -33.99
C HIS E 59 34.39 21.06 -33.60
N HIS E 60 33.65 21.62 -34.56
CA HIS E 60 32.88 22.86 -34.34
C HIS E 60 31.40 22.63 -34.66
N HIS E 61 31.12 22.37 -35.93
CA HIS E 61 29.77 22.12 -36.41
C HIS E 61 29.31 20.74 -35.99
N MSE F 1 45.92 0.42 -21.95
CA MSE F 1 44.56 0.44 -21.34
C MSE F 1 44.13 1.87 -20.97
O MSE F 1 44.81 2.55 -20.20
CB MSE F 1 44.57 -0.46 -20.09
CG MSE F 1 43.21 -0.69 -19.45
SE MSE F 1 43.16 -2.30 -18.29
CE MSE F 1 44.61 -1.83 -17.05
N TYR F 2 43.01 2.34 -21.55
CA TYR F 2 42.50 3.69 -21.28
C TYR F 2 40.97 3.78 -21.38
N PHE F 3 40.41 4.79 -20.72
CA PHE F 3 38.96 4.99 -20.77
C PHE F 3 38.65 5.94 -21.91
N GLU F 4 37.43 5.86 -22.44
CA GLU F 4 37.01 6.70 -23.56
C GLU F 4 35.55 7.15 -23.38
N ILE F 5 35.34 8.47 -23.27
CA ILE F 5 33.99 9.02 -23.11
C ILE F 5 33.47 9.64 -24.42
N TYR F 6 32.25 9.27 -24.81
CA TYR F 6 31.67 9.76 -26.05
C TYR F 6 30.14 9.91 -25.98
N LYS F 7 29.55 10.45 -27.05
CA LYS F 7 28.12 10.65 -27.12
C LYS F 7 27.50 9.74 -28.15
N ASP F 8 26.47 9.02 -27.69
CA ASP F 8 25.73 8.06 -28.49
C ASP F 8 24.53 8.69 -29.20
N ALA F 9 23.79 7.87 -29.95
CA ALA F 9 22.63 8.36 -30.69
C ALA F 9 21.66 9.15 -29.81
N LYS F 10 21.12 8.47 -28.80
CA LYS F 10 20.16 9.07 -27.89
C LYS F 10 20.57 10.50 -27.51
N GLY F 11 21.87 10.73 -27.41
CA GLY F 11 22.35 12.05 -27.04
C GLY F 11 22.90 12.05 -25.63
N GLU F 12 23.13 10.86 -25.08
CA GLU F 12 23.68 10.73 -23.73
C GLU F 12 25.20 10.57 -23.77
N TYR F 13 25.82 10.59 -22.60
CA TYR F 13 27.26 10.44 -22.48
C TYR F 13 27.57 9.11 -21.80
N ARG F 14 28.25 8.20 -22.50
CA ARG F 14 28.60 6.89 -21.91
C ARG F 14 30.09 6.65 -22.09
N TRP F 15 30.67 5.74 -21.29
CA TRP F 15 32.11 5.44 -21.37
C TRP F 15 32.37 4.03 -21.96
N ARG F 16 33.63 3.67 -22.19
CA ARG F 16 34.00 2.35 -22.71
C ARG F 16 35.50 2.17 -22.45
N LEU F 17 35.93 0.97 -22.03
CA LEU F 17 37.35 0.75 -21.76
C LEU F 17 38.02 0.04 -22.95
N LYS F 18 39.14 0.59 -23.41
CA LYS F 18 39.90 0.06 -24.54
C LYS F 18 41.31 -0.41 -24.17
N ALA F 19 41.70 -1.53 -24.80
CA ALA F 19 43.00 -2.18 -24.62
C ALA F 19 44.14 -1.35 -25.24
N ALA F 20 45.38 -1.82 -25.12
CA ALA F 20 46.53 -1.10 -25.68
C ALA F 20 46.57 -1.09 -27.22
N ASN F 21 45.84 -2.02 -27.84
CA ASN F 21 45.74 -2.14 -29.29
C ASN F 21 44.40 -1.60 -29.80
N HIS F 22 43.88 -0.59 -29.11
CA HIS F 22 42.63 0.05 -29.49
C HIS F 22 41.40 -0.86 -29.57
N GLU F 23 41.43 -1.96 -28.82
CA GLU F 23 40.34 -2.92 -28.83
C GLU F 23 39.42 -2.74 -27.64
N ILE F 24 38.12 -2.68 -27.91
CA ILE F 24 37.13 -2.52 -26.85
C ILE F 24 37.13 -3.73 -25.88
N ILE F 25 37.17 -3.44 -24.58
CA ILE F 25 37.16 -4.42 -23.48
C ILE F 25 35.84 -4.48 -22.66
N ALA F 26 35.38 -3.33 -22.13
CA ALA F 26 34.13 -3.27 -21.36
C ALA F 26 33.31 -2.00 -21.67
N GLN F 27 31.98 -2.12 -21.62
CA GLN F 27 31.07 -0.99 -21.90
C GLN F 27 30.06 -0.75 -20.78
N GLY F 28 29.89 0.52 -20.40
CA GLY F 28 28.94 0.89 -19.37
C GLY F 28 27.69 1.56 -19.93
N GLU F 29 26.80 1.98 -19.04
CA GLU F 29 25.54 2.66 -19.37
C GLU F 29 25.77 4.17 -19.52
N GLY F 30 24.88 4.85 -20.26
CA GLY F 30 25.02 6.28 -20.45
C GLY F 30 24.37 7.11 -19.35
N TYR F 31 24.72 8.40 -19.27
CA TYR F 31 24.17 9.30 -18.25
C TYR F 31 23.55 10.55 -18.86
N THR F 32 22.98 11.40 -18.00
CA THR F 32 22.32 12.63 -18.40
C THR F 32 23.34 13.70 -18.83
N SER F 33 24.30 14.01 -17.95
CA SER F 33 25.30 15.03 -18.25
C SER F 33 26.71 14.45 -18.37
N LYS F 34 27.57 15.15 -19.11
CA LYS F 34 28.94 14.68 -19.25
C LYS F 34 29.59 14.65 -17.88
N GLN F 35 29.15 15.55 -17.00
CA GLN F 35 29.70 15.62 -15.67
C GLN F 35 29.44 14.33 -14.88
N ASN F 36 28.20 13.84 -14.90
CA ASN F 36 27.88 12.64 -14.17
C ASN F 36 28.63 11.42 -14.69
N CYS F 37 28.90 11.40 -15.98
CA CYS F 37 29.60 10.27 -16.58
C CYS F 37 31.05 10.22 -16.15
N GLN F 38 31.66 11.39 -16.06
CA GLN F 38 33.05 11.47 -15.67
C GLN F 38 33.22 11.09 -14.20
N HIS F 39 32.23 11.40 -13.38
CA HIS F 39 32.29 11.08 -11.95
C HIS F 39 32.24 9.55 -11.76
N ALA F 40 31.38 8.89 -12.53
CA ALA F 40 31.27 7.44 -12.44
C ALA F 40 32.61 6.78 -12.78
N VAL F 41 33.28 7.26 -13.83
CA VAL F 41 34.56 6.72 -14.25
C VAL F 41 35.64 6.86 -13.17
N ASP F 42 35.65 8.01 -12.50
CA ASP F 42 36.62 8.24 -11.45
C ASP F 42 36.41 7.28 -10.27
N LEU F 43 35.15 7.00 -9.95
CA LEU F 43 34.85 6.08 -8.87
C LEU F 43 35.27 4.66 -9.24
N LEU F 44 35.04 4.26 -10.49
CA LEU F 44 35.43 2.92 -10.92
C LEU F 44 36.92 2.74 -10.80
N LYS F 45 37.69 3.74 -11.27
CA LYS F 45 39.13 3.63 -11.22
C LYS F 45 39.72 3.79 -9.81
N SER F 46 38.92 4.27 -8.86
CA SER F 46 39.40 4.43 -7.49
C SER F 46 39.19 3.07 -6.80
N THR F 47 38.61 2.16 -7.57
CA THR F 47 38.30 0.79 -7.15
C THR F 47 39.52 -0.14 -7.26
N THR F 48 39.85 -0.83 -6.18
CA THR F 48 40.98 -1.76 -6.17
C THR F 48 40.53 -3.20 -6.04
N ALA F 49 41.45 -4.16 -6.19
CA ALA F 49 41.07 -5.56 -6.10
C ALA F 49 40.47 -5.91 -4.73
N ALA F 50 40.71 -5.06 -3.74
CA ALA F 50 40.19 -5.28 -2.40
C ALA F 50 38.67 -5.09 -2.32
N THR F 51 38.11 -4.27 -3.21
CA THR F 51 36.68 -4.03 -3.15
C THR F 51 35.85 -5.30 -3.25
N PRO F 52 34.95 -5.50 -2.27
CA PRO F 52 34.08 -6.68 -2.20
C PRO F 52 33.10 -6.81 -3.36
N VAL F 53 32.83 -8.06 -3.71
CA VAL F 53 31.91 -8.43 -4.78
C VAL F 53 30.88 -9.42 -4.20
N LYS F 54 29.59 -9.14 -4.39
CA LYS F 54 28.52 -10.00 -3.87
C LYS F 54 27.56 -10.44 -4.96
N GLU F 55 26.86 -11.54 -4.73
CA GLU F 55 25.89 -12.05 -5.70
C GLU F 55 24.52 -12.00 -5.01
N VAL F 56 23.52 -11.52 -5.74
CA VAL F 56 22.18 -11.44 -5.19
C VAL F 56 21.48 -12.74 -5.49
N LEU F 57 21.04 -13.45 -4.46
CA LEU F 57 20.34 -14.73 -4.66
C LEU F 57 18.83 -14.55 -4.60
N GLU F 58 18.38 -13.60 -3.78
CA GLU F 58 16.95 -13.35 -3.63
C GLU F 58 16.21 -13.03 -4.94
N MSE G 1 -9.30 4.45 6.06
CA MSE G 1 -8.27 5.02 6.98
C MSE G 1 -8.96 6.18 7.72
O MSE G 1 -9.63 6.99 7.08
CB MSE G 1 -7.07 5.49 6.15
CG MSE G 1 -5.77 5.72 6.92
SE MSE G 1 -4.17 6.02 5.79
CE MSE G 1 -4.65 7.70 4.92
N TYR G 2 -8.84 6.27 9.04
CA TYR G 2 -9.49 7.37 9.79
C TYR G 2 -8.83 7.68 11.14
N PHE G 3 -9.08 8.88 11.64
CA PHE G 3 -8.53 9.28 12.92
C PHE G 3 -9.58 9.00 14.00
N GLU G 4 -9.12 8.76 15.23
CA GLU G 4 -10.01 8.45 16.34
C GLU G 4 -9.57 9.18 17.62
N ILE G 5 -10.43 10.04 18.16
CA ILE G 5 -10.15 10.79 19.38
C ILE G 5 -10.90 10.19 20.59
N TYR G 6 -10.18 9.93 21.67
CA TYR G 6 -10.77 9.35 22.88
C TYR G 6 -10.10 9.83 24.16
N LYS G 7 -10.65 9.40 25.30
CA LYS G 7 -10.12 9.76 26.62
C LYS G 7 -9.54 8.57 27.37
N ASP G 8 -8.32 8.77 27.91
CA ASP G 8 -7.55 7.75 28.66
C ASP G 8 -8.04 7.50 30.09
N ALA G 9 -7.15 7.16 31.01
CA ALA G 9 -7.60 6.90 32.39
C ALA G 9 -7.45 8.09 33.32
N LYS G 10 -6.46 8.94 33.08
CA LYS G 10 -6.31 10.10 33.94
C LYS G 10 -7.50 11.01 33.67
N GLY G 11 -7.81 11.21 32.39
CA GLY G 11 -8.92 12.06 32.01
C GLY G 11 -8.45 13.11 31.02
N GLU G 12 -7.49 12.74 30.18
CA GLU G 12 -6.97 13.64 29.16
C GLU G 12 -7.39 13.11 27.80
N TYR G 13 -7.10 13.86 26.74
CA TYR G 13 -7.50 13.42 25.41
C TYR G 13 -6.33 12.98 24.53
N ARG G 14 -6.56 12.03 23.63
CA ARG G 14 -5.50 11.54 22.74
C ARG G 14 -6.06 11.03 21.41
N TRP G 15 -5.23 10.99 20.38
CA TRP G 15 -5.66 10.52 19.06
C TRP G 15 -4.85 9.31 18.50
N ARG G 16 -5.32 8.75 17.37
CA ARG G 16 -4.66 7.61 16.71
C ARG G 16 -5.22 7.43 15.29
N LEU G 17 -4.40 6.83 14.41
CA LEU G 17 -4.80 6.61 13.02
C LEU G 17 -5.02 5.12 12.74
N LYS G 18 -6.26 4.73 12.47
CA LYS G 18 -6.50 3.32 12.18
C LYS G 18 -6.60 3.02 10.69
N ALA G 19 -6.10 1.86 10.31
CA ALA G 19 -6.15 1.44 8.92
C ALA G 19 -7.45 0.73 8.64
N ALA G 20 -7.74 0.53 7.37
CA ALA G 20 -8.98 -0.13 6.95
C ALA G 20 -9.22 -1.43 7.70
N ASN G 21 -8.14 -2.12 8.07
CA ASN G 21 -8.28 -3.37 8.78
C ASN G 21 -8.27 -3.14 10.29
N HIS G 22 -8.68 -1.95 10.71
CA HIS G 22 -8.75 -1.60 12.13
C HIS G 22 -7.42 -1.82 12.88
N GLU G 23 -6.35 -1.19 12.39
CA GLU G 23 -5.04 -1.31 13.03
C GLU G 23 -4.45 0.06 13.34
N ILE G 24 -3.71 0.15 14.43
CA ILE G 24 -3.10 1.40 14.85
C ILE G 24 -1.83 1.70 14.06
N ILE G 25 -1.93 2.67 13.16
CA ILE G 25 -0.78 3.06 12.35
C ILE G 25 0.04 4.11 13.08
N ALA G 26 -0.65 5.07 13.68
CA ALA G 26 0.02 6.15 14.41
C ALA G 26 -0.76 6.41 15.67
N GLN G 27 -0.04 6.67 16.75
CA GLN G 27 -0.60 6.93 18.08
C GLN G 27 -0.25 8.36 18.52
N GLY G 28 -1.16 9.05 19.22
CA GLY G 28 -0.87 10.41 19.65
C GLY G 28 -0.71 10.56 21.15
N GLU G 29 -0.16 11.68 21.61
CA GLU G 29 0.01 11.86 23.04
C GLU G 29 -1.25 12.42 23.71
N GLY G 30 -1.17 12.68 25.01
CA GLY G 30 -2.34 13.18 25.73
C GLY G 30 -2.44 14.70 25.83
N TYR G 31 -3.65 15.22 25.93
CA TYR G 31 -3.84 16.66 26.02
C TYR G 31 -4.88 17.02 27.08
N THR G 32 -4.82 18.27 27.56
CA THR G 32 -5.73 18.80 28.57
C THR G 32 -7.14 18.97 28.08
N SER G 33 -7.29 19.55 26.90
CA SER G 33 -8.61 19.77 26.33
C SER G 33 -8.74 19.13 24.95
N LYS G 34 -9.97 18.76 24.65
CA LYS G 34 -10.34 18.15 23.39
C LYS G 34 -9.98 19.07 22.24
N GLN G 35 -9.94 20.35 22.52
CA GLN G 35 -9.62 21.36 21.51
C GLN G 35 -8.21 21.17 20.99
N ASN G 36 -7.24 21.03 21.88
CA ASN G 36 -5.87 20.86 21.46
C ASN G 36 -5.64 19.60 20.65
N CYS G 37 -6.38 18.55 20.98
CA CYS G 37 -6.26 17.27 20.27
C CYS G 37 -6.75 17.39 18.83
N GLN G 38 -7.86 18.10 18.65
CA GLN G 38 -8.44 18.26 17.34
C GLN G 38 -7.54 19.11 16.45
N HIS G 39 -6.84 20.07 17.04
CA HIS G 39 -5.95 20.95 16.29
C HIS G 39 -4.76 20.16 15.75
N ALA G 40 -4.24 19.25 16.57
CA ALA G 40 -3.12 18.41 16.18
C ALA G 40 -3.50 17.55 14.97
N VAL G 41 -4.70 16.97 15.01
CA VAL G 41 -5.16 16.13 13.90
C VAL G 41 -5.28 16.92 12.60
N ASP G 42 -5.78 18.15 12.68
CA ASP G 42 -5.93 18.98 11.49
C ASP G 42 -4.58 19.31 10.86
N LEU G 43 -3.57 19.52 11.70
CA LEU G 43 -2.22 19.82 11.20
C LEU G 43 -1.61 18.58 10.52
N LEU G 44 -1.83 17.40 11.10
CA LEU G 44 -1.30 16.17 10.51
C LEU G 44 -1.90 15.95 9.13
N LYS G 45 -3.22 16.11 9.02
CA LYS G 45 -3.87 15.90 7.73
C LYS G 45 -3.60 17.00 6.70
N SER G 46 -3.07 18.14 7.15
CA SER G 46 -2.77 19.20 6.20
C SER G 46 -1.40 18.93 5.56
N THR G 47 -0.83 17.76 5.85
CA THR G 47 0.46 17.39 5.30
C THR G 47 0.27 16.80 3.91
N THR G 48 1.22 17.03 3.02
CA THR G 48 1.13 16.52 1.63
C THR G 48 2.24 15.55 1.22
N ALA G 49 2.13 14.99 0.02
CA ALA G 49 3.13 14.06 -0.51
C ALA G 49 4.48 14.75 -0.71
N ALA G 50 4.43 16.08 -0.77
CA ALA G 50 5.61 16.91 -0.95
C ALA G 50 6.28 17.22 0.38
N THR G 51 5.57 17.02 1.49
CA THR G 51 6.12 17.31 2.81
C THR G 51 7.43 16.53 3.02
N PRO G 52 8.57 17.22 3.01
CA PRO G 52 9.85 16.52 3.19
C PRO G 52 10.03 15.71 4.49
N VAL G 53 10.92 14.73 4.49
CA VAL G 53 11.15 13.94 5.69
C VAL G 53 12.65 13.84 5.88
N LYS G 54 13.13 14.27 7.04
CA LYS G 54 14.57 14.23 7.32
C LYS G 54 14.87 13.26 8.46
N GLU G 55 16.04 12.64 8.44
CA GLU G 55 16.38 11.69 9.50
C GLU G 55 17.74 11.95 10.17
N VAL G 56 17.81 11.82 11.50
CA VAL G 56 19.10 12.05 12.16
C VAL G 56 19.84 10.74 12.39
N LEU G 57 21.15 10.74 12.19
CA LEU G 57 21.85 9.51 12.40
C LEU G 57 23.30 9.67 12.81
N GLU G 58 23.82 8.59 13.39
CA GLU G 58 25.17 8.48 13.88
C GLU G 58 26.17 8.39 12.73
N HIS G 59 27.36 8.92 12.97
CA HIS G 59 28.43 8.92 11.98
C HIS G 59 29.25 7.64 12.09
N HIS G 60 29.81 7.38 13.27
CA HIS G 60 30.63 6.19 13.49
C HIS G 60 29.94 4.90 13.08
N MSE H 1 7.73 23.38 7.27
CA MSE H 1 7.11 22.17 7.90
C MSE H 1 7.67 20.88 7.27
O MSE H 1 7.69 20.71 6.04
CB MSE H 1 5.58 22.25 7.75
CG MSE H 1 4.78 21.21 8.53
SE MSE H 1 2.83 21.55 8.67
CE MSE H 1 2.27 21.04 6.87
N TYR H 2 8.14 19.99 8.15
CA TYR H 2 8.74 18.71 7.74
C TYR H 2 8.72 17.65 8.85
N PHE H 3 8.84 16.38 8.46
CA PHE H 3 8.87 15.30 9.44
C PHE H 3 10.33 15.00 9.77
N GLU H 4 10.56 14.45 10.95
CA GLU H 4 11.91 14.13 11.40
C GLU H 4 11.95 12.79 12.13
N ILE H 5 12.72 11.85 11.61
CA ILE H 5 12.86 10.51 12.21
C ILE H 5 14.19 10.36 12.96
N TYR H 6 14.14 9.90 14.21
CA TYR H 6 15.35 9.76 15.02
C TYR H 6 15.24 8.59 16.00
N LYS H 7 16.35 8.32 16.71
CA LYS H 7 16.39 7.24 17.68
C LYS H 7 16.51 7.81 19.09
N ASP H 8 15.58 7.44 19.98
CA ASP H 8 15.60 7.96 21.35
C ASP H 8 16.55 7.26 22.32
N ALA H 9 16.36 7.51 23.61
CA ALA H 9 17.21 6.93 24.64
C ALA H 9 16.88 5.46 24.85
N LYS H 10 15.64 5.10 24.55
CA LYS H 10 15.27 3.71 24.70
C LYS H 10 15.82 2.86 23.54
N GLY H 11 16.42 3.51 22.54
CA GLY H 11 16.98 2.77 21.42
C GLY H 11 15.99 2.42 20.34
N GLU H 12 14.87 3.12 20.32
CA GLU H 12 13.84 2.88 19.33
C GLU H 12 13.57 4.13 18.51
N TYR H 13 13.03 3.95 17.31
CA TYR H 13 12.77 5.08 16.44
C TYR H 13 11.41 5.75 16.61
N ARG H 14 11.35 7.05 16.35
CA ARG H 14 10.10 7.78 16.46
C ARG H 14 10.08 9.03 15.59
N TRP H 15 8.90 9.60 15.36
CA TRP H 15 8.80 10.77 14.52
C TRP H 15 8.22 11.99 15.25
N ARG H 16 8.54 13.19 14.77
CA ARG H 16 8.04 14.45 15.35
C ARG H 16 7.79 15.41 14.20
N LEU H 17 6.80 16.28 14.33
CA LEU H 17 6.49 17.24 13.28
C LEU H 17 7.06 18.62 13.68
N LYS H 18 7.98 19.13 12.87
CA LYS H 18 8.61 20.41 13.10
C LYS H 18 8.17 21.47 12.10
N ALA H 19 7.88 22.66 12.63
CA ALA H 19 7.43 23.80 11.81
C ALA H 19 8.54 24.39 10.95
N ALA H 20 8.25 25.52 10.29
CA ALA H 20 9.25 26.17 9.46
C ALA H 20 10.38 26.74 10.30
N ASN H 21 10.06 27.13 11.54
CA ASN H 21 11.04 27.68 12.49
C ASN H 21 11.64 26.62 13.44
N HIS H 22 11.63 25.37 12.99
CA HIS H 22 12.17 24.26 13.76
C HIS H 22 11.60 24.10 15.16
N GLU H 23 10.27 24.14 15.26
CA GLU H 23 9.56 23.99 16.52
C GLU H 23 8.61 22.79 16.47
N ILE H 24 8.78 21.88 17.44
CA ILE H 24 7.96 20.68 17.55
C ILE H 24 6.49 21.03 17.84
N ILE H 25 5.62 20.62 16.90
CA ILE H 25 4.18 20.84 16.96
C ILE H 25 3.36 19.54 17.06
N ALA H 26 4.02 18.39 17.05
CA ALA H 26 3.37 17.08 17.18
C ALA H 26 4.40 15.98 17.44
N GLN H 27 4.20 15.24 18.53
CA GLN H 27 5.10 14.13 18.93
C GLN H 27 4.38 12.81 18.65
N GLY H 28 5.15 11.74 18.47
CA GLY H 28 4.56 10.43 18.21
C GLY H 28 5.22 9.32 19.02
N GLU H 29 4.62 8.13 19.02
CA GLU H 29 5.16 6.97 19.72
C GLU H 29 6.37 6.36 19.00
N GLY H 30 6.99 5.36 19.62
CA GLY H 30 8.15 4.74 18.99
C GLY H 30 7.84 3.51 18.15
N TYR H 31 8.90 2.92 17.59
CA TYR H 31 8.80 1.71 16.76
C TYR H 31 10.08 0.90 16.89
N THR H 32 9.96 -0.40 16.66
CA THR H 32 11.09 -1.30 16.74
C THR H 32 12.17 -0.96 15.70
N SER H 33 11.86 -1.03 14.41
CA SER H 33 12.87 -0.69 13.39
C SER H 33 12.65 0.68 12.77
N LYS H 34 13.56 1.06 11.87
CA LYS H 34 13.47 2.34 11.18
C LYS H 34 12.54 2.24 10.00
N GLN H 35 12.43 1.04 9.45
CA GLN H 35 11.57 0.79 8.30
C GLN H 35 10.10 1.02 8.67
N ASN H 36 9.66 0.45 9.78
CA ASN H 36 8.28 0.59 10.18
C ASN H 36 7.91 2.05 10.48
N CYS H 37 8.87 2.81 11.00
CA CYS H 37 8.62 4.20 11.33
C CYS H 37 8.42 5.04 10.08
N GLN H 38 9.22 4.77 9.07
CA GLN H 38 9.14 5.50 7.83
C GLN H 38 7.82 5.22 7.10
N HIS H 39 7.33 4.01 7.22
CA HIS H 39 6.08 3.61 6.56
C HIS H 39 4.91 4.38 7.20
N ALA H 40 4.94 4.51 8.52
CA ALA H 40 3.89 5.21 9.25
C ALA H 40 3.83 6.67 8.79
N VAL H 41 4.99 7.31 8.64
CA VAL H 41 5.05 8.70 8.21
C VAL H 41 4.47 8.89 6.80
N ASP H 42 4.78 7.96 5.89
CA ASP H 42 4.26 8.04 4.52
C ASP H 42 2.74 7.93 4.49
N LEU H 43 2.19 7.09 5.36
CA LEU H 43 0.73 6.92 5.42
C LEU H 43 0.08 8.19 5.97
N LEU H 44 0.69 8.80 6.98
CA LEU H 44 0.16 10.04 7.55
C LEU H 44 0.12 11.14 6.52
N LYS H 45 1.20 11.28 5.74
CA LYS H 45 1.24 12.32 4.74
C LYS H 45 0.37 12.03 3.51
N SER H 46 -0.05 10.78 3.34
CA SER H 46 -0.90 10.43 2.20
C SER H 46 -2.35 10.77 2.56
N THR H 47 -2.53 11.23 3.79
CA THR H 47 -3.82 11.64 4.31
C THR H 47 -4.19 13.00 3.70
N THR H 48 -5.49 13.31 3.66
CA THR H 48 -6.00 14.55 3.12
C THR H 48 -7.06 15.12 4.07
N ALA H 49 -7.41 16.38 3.87
CA ALA H 49 -8.41 17.10 4.68
C ALA H 49 -9.78 16.43 4.66
N ALA H 50 -9.97 15.52 3.71
CA ALA H 50 -11.24 14.82 3.62
C ALA H 50 -11.32 13.63 4.59
N THR H 51 -10.15 13.05 4.96
CA THR H 51 -10.08 11.90 5.88
C THR H 51 -10.92 12.17 7.13
N PRO H 52 -11.95 11.33 7.40
CA PRO H 52 -12.84 11.47 8.56
C PRO H 52 -12.23 11.44 9.96
N VAL H 53 -12.98 11.97 10.92
CA VAL H 53 -12.56 12.03 12.31
C VAL H 53 -13.70 11.64 13.27
N LYS H 54 -13.44 10.65 14.09
CA LYS H 54 -14.41 10.10 15.02
C LYS H 54 -13.96 10.19 16.49
N GLU H 55 -14.92 10.34 17.40
CA GLU H 55 -14.55 10.39 18.81
C GLU H 55 -15.33 9.33 19.55
N VAL H 56 -14.67 8.60 20.45
CA VAL H 56 -15.36 7.53 21.17
C VAL H 56 -16.08 8.10 22.39
N LEU H 57 -17.10 7.41 22.86
CA LEU H 57 -17.83 7.86 24.03
C LEU H 57 -18.40 6.65 24.72
#